data_1Y0Y
#
_entry.id   1Y0Y
#
_cell.length_a   111.560
_cell.length_b   111.560
_cell.length_c   111.560
_cell.angle_alpha   90.00
_cell.angle_beta   90.00
_cell.angle_gamma   90.00
#
_symmetry.space_group_name_H-M   'P 2 3'
#
loop_
_entity.id
_entity.type
_entity.pdbx_description
1 polymer 'Frv operon protein FrvX'
2 polymer AMASTATIN
3 non-polymer 'ZINC ION'
4 water water
#
loop_
_entity_poly.entity_id
_entity_poly.type
_entity_poly.pdbx_seq_one_letter_code
_entity_poly.pdbx_strand_id
1 'polypeptide(L)'
;MEVRNMVDYELLKKVVEAPGVSGYEFLGIRDVVIEEIKDYVDEVKVDKLGNVIAHKKGEGPKVMIAAHMDQIGLMVTHIE
KNGFLRVAPIGGVDPKTLIAQRFKVWIDKGKFIYGVGASVPPHIQKPEDRKKAPDWDQIFIDIGAESKEEAEDMGVKIGT
VITWDGRLERLGKHRFVSIAFDDRIAVYTILEVAKQLKDAKADVYFVATVQEEVGLRGARTSAFGIEPDYGFAIDVTIAA
DIPGTPEHKQVTHLGKGTAIKIMDRSVICHPTIVRWLEELAKKHEIPYQLEILLGGGTDAGAIHLTKAGVPTGALSVPAR
YIHSNTEVVDERDVDATVELMTKALENIHELKI
;
A
2 'polypeptide(L)' (L2O)VVD B
#
# COMPACT_ATOMS: atom_id res chain seq x y z
N MET A 6 18.22 -0.43 -9.09
CA MET A 6 17.08 -0.20 -10.05
C MET A 6 16.01 0.72 -9.47
N VAL A 7 16.03 0.89 -8.15
CA VAL A 7 15.07 1.76 -7.49
C VAL A 7 15.81 2.84 -6.71
N ASP A 8 15.11 3.91 -6.38
CA ASP A 8 15.67 5.01 -5.60
C ASP A 8 15.57 4.54 -4.15
N TYR A 9 16.59 3.82 -3.70
CA TYR A 9 16.62 3.25 -2.35
C TYR A 9 16.30 4.20 -1.21
N GLU A 10 16.88 5.39 -1.24
CA GLU A 10 16.65 6.38 -0.18
C GLU A 10 15.17 6.79 -0.12
N LEU A 11 14.56 6.98 -1.28
CA LEU A 11 13.16 7.36 -1.34
C LEU A 11 12.28 6.22 -0.83
N LEU A 12 12.61 4.99 -1.22
CA LEU A 12 11.84 3.84 -0.78
C LEU A 12 11.90 3.72 0.74
N LYS A 13 13.09 3.93 1.29
CA LYS A 13 13.28 3.85 2.74
C LYS A 13 12.40 4.89 3.45
N LYS A 14 12.33 6.10 2.90
CA LYS A 14 11.53 7.16 3.50
C LYS A 14 10.05 6.80 3.54
N VAL A 15 9.55 6.21 2.47
CA VAL A 15 8.13 5.86 2.41
C VAL A 15 7.74 4.64 3.24
N VAL A 16 8.58 3.61 3.30
CA VAL A 16 8.21 2.43 4.07
C VAL A 16 8.39 2.60 5.58
N GLU A 17 9.33 3.44 5.99
CA GLU A 17 9.59 3.61 7.43
C GLU A 17 8.78 4.71 8.13
N ALA A 18 8.00 5.47 7.38
CA ALA A 18 7.18 6.51 7.97
C ALA A 18 5.95 5.83 8.56
N PRO A 19 5.56 6.18 9.80
CA PRO A 19 4.37 5.52 10.36
C PRO A 19 3.09 6.04 9.73
N GLY A 20 2.08 5.17 9.64
CA GLY A 20 0.82 5.59 9.06
C GLY A 20 -0.19 4.47 9.02
N VAL A 21 -0.69 4.06 10.18
CA VAL A 21 -1.69 3.00 10.22
C VAL A 21 -3.02 3.60 9.77
N SER A 22 -3.94 2.74 9.36
CA SER A 22 -5.25 3.18 8.88
C SER A 22 -5.90 4.18 9.83
N GLY A 23 -6.37 5.29 9.26
CA GLY A 23 -7.02 6.32 10.05
C GLY A 23 -6.07 7.30 10.69
N TYR A 24 -4.78 6.94 10.74
CA TYR A 24 -3.76 7.79 11.37
C TYR A 24 -2.57 8.03 10.44
N GLU A 25 -2.87 8.12 9.15
CA GLU A 25 -1.85 8.34 8.13
C GLU A 25 -1.19 9.71 8.31
N PHE A 26 -1.93 10.63 8.91
CA PHE A 26 -1.44 11.99 9.15
C PHE A 26 -0.25 12.05 10.09
N LEU A 27 0.01 10.96 10.81
CA LEU A 27 1.12 10.94 11.75
C LEU A 27 2.51 10.82 11.11
N GLY A 28 2.57 10.54 9.82
CA GLY A 28 3.87 10.42 9.19
C GLY A 28 3.91 10.29 7.68
N ILE A 29 3.29 9.24 7.15
CA ILE A 29 3.32 9.01 5.72
C ILE A 29 2.71 10.15 4.89
N ARG A 30 1.66 10.78 5.41
CA ARG A 30 1.01 11.87 4.67
C ARG A 30 2.01 12.94 4.26
N ASP A 31 2.77 13.46 5.23
CA ASP A 31 3.73 14.52 4.95
C ASP A 31 4.85 14.07 4.01
N VAL A 32 5.24 12.80 4.10
CA VAL A 32 6.29 12.30 3.22
C VAL A 32 5.78 12.31 1.77
N VAL A 33 4.55 11.86 1.56
CA VAL A 33 3.99 11.86 0.21
C VAL A 33 3.88 13.26 -0.35
N ILE A 34 3.37 14.19 0.46
CA ILE A 34 3.22 15.57 0.01
C ILE A 34 4.56 16.18 -0.38
N GLU A 35 5.55 16.02 0.51
CA GLU A 35 6.88 16.58 0.26
C GLU A 35 7.56 16.01 -0.98
N GLU A 36 7.41 14.70 -1.20
CA GLU A 36 8.05 14.04 -2.34
C GLU A 36 7.33 14.14 -3.68
N ILE A 37 6.08 14.59 -3.67
CA ILE A 37 5.34 14.67 -4.93
C ILE A 37 4.96 16.09 -5.37
N LYS A 38 4.91 17.02 -4.42
CA LYS A 38 4.50 18.39 -4.74
C LYS A 38 5.23 19.09 -5.88
N ASP A 39 6.54 18.88 -6.00
CA ASP A 39 7.28 19.56 -7.07
C ASP A 39 7.05 18.98 -8.46
N TYR A 40 6.28 17.90 -8.55
CA TYR A 40 6.02 17.26 -9.83
C TYR A 40 4.58 17.38 -10.30
N VAL A 41 3.75 18.09 -9.53
CA VAL A 41 2.35 18.26 -9.89
C VAL A 41 1.97 19.74 -9.79
N ASP A 42 0.79 20.07 -10.31
CA ASP A 42 0.33 21.46 -10.27
C ASP A 42 -0.25 21.88 -8.93
N GLU A 43 -0.90 20.93 -8.24
CA GLU A 43 -1.47 21.23 -6.94
C GLU A 43 -1.63 19.96 -6.11
N VAL A 44 -1.49 20.11 -4.81
CA VAL A 44 -1.64 18.99 -3.88
C VAL A 44 -2.66 19.39 -2.83
N LYS A 45 -3.65 18.54 -2.63
CA LYS A 45 -4.69 18.80 -1.65
C LYS A 45 -4.94 17.57 -0.79
N VAL A 46 -5.40 17.80 0.43
CA VAL A 46 -5.73 16.72 1.36
C VAL A 46 -7.23 16.83 1.59
N ASP A 47 -7.97 15.77 1.29
CA ASP A 47 -9.42 15.83 1.46
C ASP A 47 -9.91 15.50 2.86
N LYS A 48 -11.23 15.44 3.01
CA LYS A 48 -11.90 15.16 4.28
C LYS A 48 -11.38 13.98 5.09
N LEU A 49 -11.22 12.83 4.43
CA LEU A 49 -10.75 11.63 5.11
C LEU A 49 -9.23 11.55 5.23
N GLY A 50 -8.53 12.45 4.56
CA GLY A 50 -7.08 12.44 4.64
C GLY A 50 -6.35 11.98 3.40
N ASN A 51 -7.08 11.71 2.32
CA ASN A 51 -6.44 11.28 1.08
C ASN A 51 -5.58 12.42 0.56
N VAL A 52 -4.43 12.09 -0.01
CA VAL A 52 -3.57 13.10 -0.60
C VAL A 52 -3.84 13.04 -2.10
N ILE A 53 -4.36 14.14 -2.64
CA ILE A 53 -4.69 14.21 -4.06
C ILE A 53 -3.72 15.15 -4.77
N ALA A 54 -2.88 14.59 -5.63
CA ALA A 54 -1.87 15.36 -6.37
C ALA A 54 -2.30 15.44 -7.83
N HIS A 55 -2.69 16.65 -8.24
CA HIS A 55 -3.17 16.89 -9.61
C HIS A 55 -2.15 17.42 -10.60
N LYS A 56 -1.96 16.69 -11.70
CA LYS A 56 -1.05 17.11 -12.76
C LYS A 56 -1.92 17.38 -13.99
N LYS A 57 -2.19 18.66 -14.24
CA LYS A 57 -3.03 19.07 -15.37
C LYS A 57 -2.54 18.60 -16.72
N GLY A 58 -3.48 18.18 -17.56
CA GLY A 58 -3.14 17.72 -18.90
C GLY A 58 -4.36 17.70 -19.80
N GLU A 59 -4.13 17.62 -21.10
CA GLU A 59 -5.23 17.58 -22.07
C GLU A 59 -5.57 16.16 -22.47
N GLY A 60 -6.64 15.62 -21.90
CA GLY A 60 -7.05 14.27 -22.21
C GLY A 60 -7.98 13.72 -21.16
N PRO A 61 -8.22 12.40 -21.18
CA PRO A 61 -9.11 11.74 -20.21
C PRO A 61 -8.65 12.01 -18.78
N LYS A 62 -9.61 12.14 -17.87
CA LYS A 62 -9.30 12.36 -16.46
C LYS A 62 -9.00 10.97 -15.89
N VAL A 63 -7.80 10.80 -15.36
CA VAL A 63 -7.38 9.51 -14.83
C VAL A 63 -6.96 9.57 -13.36
N MET A 64 -7.48 8.63 -12.59
CA MET A 64 -7.14 8.53 -11.16
C MET A 64 -6.24 7.33 -10.96
N ILE A 65 -5.10 7.54 -10.30
CA ILE A 65 -4.17 6.46 -10.02
C ILE A 65 -4.04 6.43 -8.50
N ALA A 66 -4.49 5.32 -7.89
CA ALA A 66 -4.46 5.21 -6.44
C ALA A 66 -3.53 4.18 -5.85
N ALA A 67 -2.84 4.58 -4.78
CA ALA A 67 -1.93 3.70 -4.04
C ALA A 67 -2.23 4.00 -2.58
N HIS A 68 -2.61 3.00 -1.79
CA HIS A 68 -2.94 3.29 -0.40
C HIS A 68 -1.73 3.49 0.48
N MET A 69 -1.78 4.55 1.29
CA MET A 69 -0.66 4.87 2.16
C MET A 69 -0.81 4.37 3.59
N ASP A 70 -1.96 3.78 3.92
CA ASP A 70 -2.13 3.26 5.27
C ASP A 70 -1.50 1.87 5.34
N GLN A 71 -1.01 1.50 6.52
CA GLN A 71 -0.40 0.20 6.74
C GLN A 71 -1.13 -0.47 7.89
N ILE A 72 -1.03 -1.79 7.99
CA ILE A 72 -1.69 -2.49 9.08
C ILE A 72 -0.90 -2.24 10.36
N GLY A 73 -1.57 -2.37 11.50
CA GLY A 73 -0.91 -2.15 12.77
C GLY A 73 -1.78 -2.57 13.93
N LEU A 74 -1.50 -2.02 15.11
CA LEU A 74 -2.26 -2.36 16.31
C LEU A 74 -2.68 -1.11 17.06
N MET A 75 -3.72 -1.26 17.88
CA MET A 75 -4.21 -0.15 18.70
C MET A 75 -4.41 -0.67 20.13
N VAL A 76 -3.93 0.09 21.10
CA VAL A 76 -4.07 -0.30 22.50
C VAL A 76 -5.53 -0.24 22.94
N THR A 77 -6.02 -1.34 23.49
CA THR A 77 -7.41 -1.44 23.94
C THR A 77 -7.52 -1.41 25.45
N HIS A 78 -6.44 -1.75 26.14
CA HIS A 78 -6.47 -1.81 27.58
C HIS A 78 -5.07 -1.89 28.16
N ILE A 79 -4.88 -1.29 29.33
CA ILE A 79 -3.60 -1.33 30.01
C ILE A 79 -3.81 -2.11 31.30
N GLU A 80 -3.16 -3.28 31.39
CA GLU A 80 -3.29 -4.15 32.54
C GLU A 80 -2.68 -3.53 33.80
N LYS A 81 -3.07 -4.06 34.97
CA LYS A 81 -2.60 -3.54 36.25
C LYS A 81 -1.09 -3.52 36.38
N ASN A 82 -0.41 -4.48 35.74
CA ASN A 82 1.04 -4.54 35.82
C ASN A 82 1.76 -3.90 34.64
N GLY A 83 1.04 -3.04 33.91
CA GLY A 83 1.66 -2.31 32.81
C GLY A 83 1.67 -2.90 31.41
N PHE A 84 1.22 -4.14 31.26
CA PHE A 84 1.19 -4.78 29.95
C PHE A 84 0.06 -4.17 29.12
N LEU A 85 0.22 -4.18 27.80
CA LEU A 85 -0.80 -3.60 26.92
C LEU A 85 -1.55 -4.67 26.15
N ARG A 86 -2.86 -4.47 25.99
CA ARG A 86 -3.67 -5.39 25.20
C ARG A 86 -3.97 -4.61 23.92
N VAL A 87 -4.15 -5.32 22.81
CA VAL A 87 -4.36 -4.65 21.54
C VAL A 87 -5.44 -5.22 20.62
N ALA A 88 -5.84 -4.41 19.65
CA ALA A 88 -6.82 -4.80 18.64
C ALA A 88 -6.13 -4.53 17.31
N PRO A 89 -6.40 -5.35 16.29
CA PRO A 89 -5.76 -5.13 15.00
C PRO A 89 -6.36 -4.00 14.16
N ILE A 90 -5.48 -3.31 13.43
CA ILE A 90 -5.91 -2.27 12.50
C ILE A 90 -5.57 -2.95 11.17
N GLY A 91 -6.59 -3.47 10.50
CA GLY A 91 -6.36 -4.17 9.25
C GLY A 91 -6.22 -5.66 9.54
N GLY A 92 -5.95 -6.44 8.50
CA GLY A 92 -5.84 -7.89 8.65
C GLY A 92 -4.51 -8.39 9.19
N VAL A 93 -4.34 -8.30 10.51
CA VAL A 93 -3.11 -8.73 11.18
C VAL A 93 -3.26 -10.16 11.70
N ASP A 94 -2.24 -10.99 11.46
CA ASP A 94 -2.24 -12.38 11.91
C ASP A 94 -1.43 -12.45 13.21
N PRO A 95 -2.04 -12.94 14.29
CA PRO A 95 -1.33 -13.05 15.57
C PRO A 95 0.05 -13.73 15.50
N LYS A 96 0.21 -14.67 14.58
CA LYS A 96 1.48 -15.39 14.44
C LYS A 96 2.65 -14.47 14.09
N THR A 97 2.33 -13.29 13.57
CA THR A 97 3.37 -12.33 13.17
C THR A 97 3.69 -11.31 14.27
N LEU A 98 3.10 -11.49 15.45
CA LEU A 98 3.31 -10.55 16.54
C LEU A 98 4.15 -11.12 17.69
N ILE A 99 4.32 -12.43 17.69
CA ILE A 99 5.06 -13.13 18.74
C ILE A 99 6.57 -12.92 18.69
N ALA A 100 7.13 -12.56 19.85
CA ALA A 100 8.57 -12.34 19.96
C ALA A 100 9.05 -11.36 18.89
N GLN A 101 8.31 -10.26 18.75
CA GLN A 101 8.62 -9.21 17.78
C GLN A 101 8.79 -7.90 18.52
N ARG A 102 9.56 -6.98 17.94
CA ARG A 102 9.76 -5.66 18.54
C ARG A 102 8.81 -4.69 17.83
N PHE A 103 8.28 -3.75 18.59
CA PHE A 103 7.32 -2.77 18.08
C PHE A 103 7.68 -1.34 18.43
N LYS A 104 7.13 -0.41 17.66
CA LYS A 104 7.30 1.00 17.93
C LYS A 104 5.92 1.44 18.41
N VAL A 105 5.84 1.84 19.68
CA VAL A 105 4.58 2.30 20.28
C VAL A 105 4.60 3.82 20.17
N TRP A 106 3.71 4.35 19.32
CA TRP A 106 3.67 5.79 19.08
C TRP A 106 2.94 6.59 20.15
N ILE A 107 3.70 7.38 20.91
CA ILE A 107 3.12 8.18 21.97
C ILE A 107 2.81 9.61 21.49
N ASP A 108 3.34 9.96 20.33
CA ASP A 108 3.09 11.28 19.76
C ASP A 108 3.61 11.26 18.33
N LYS A 109 3.30 12.31 17.57
CA LYS A 109 3.77 12.37 16.20
C LYS A 109 5.30 12.48 16.28
N GLY A 110 6.00 11.59 15.60
CA GLY A 110 7.45 11.59 15.62
C GLY A 110 8.10 11.11 16.91
N LYS A 111 7.33 10.48 17.79
CA LYS A 111 7.85 9.99 19.06
C LYS A 111 7.34 8.59 19.37
N PHE A 112 8.26 7.67 19.65
CA PHE A 112 7.87 6.29 19.96
C PHE A 112 8.75 5.69 21.05
N ILE A 113 8.26 4.63 21.66
CA ILE A 113 9.01 3.88 22.66
C ILE A 113 8.90 2.44 22.19
N TYR A 114 9.85 1.60 22.58
CA TYR A 114 9.82 0.22 22.15
C TYR A 114 8.86 -0.66 22.95
N GLY A 115 8.40 -1.72 22.29
CA GLY A 115 7.51 -2.66 22.93
C GLY A 115 7.82 -4.05 22.41
N VAL A 116 7.45 -5.08 23.17
CA VAL A 116 7.70 -6.46 22.80
C VAL A 116 6.40 -7.24 22.78
N GLY A 117 6.14 -7.95 21.67
CA GLY A 117 4.92 -8.74 21.58
C GLY A 117 5.14 -10.12 22.17
N ALA A 118 4.16 -10.64 22.89
CA ALA A 118 4.31 -11.95 23.50
C ALA A 118 3.02 -12.75 23.62
N SER A 119 3.18 -14.04 23.93
CA SER A 119 2.10 -15.00 24.08
C SER A 119 1.18 -15.11 22.87
N ALA A 133 -1.89 -22.19 17.93
CA ALA A 133 -1.69 -20.85 17.37
C ALA A 133 -2.30 -19.79 18.30
N PRO A 134 -1.60 -18.66 18.47
CA PRO A 134 -2.06 -17.56 19.32
C PRO A 134 -3.29 -16.82 18.80
N ASP A 135 -4.18 -16.45 19.71
CA ASP A 135 -5.36 -15.68 19.36
C ASP A 135 -5.25 -14.34 20.08
N TRP A 136 -6.10 -13.39 19.72
CA TRP A 136 -6.04 -12.06 20.30
C TRP A 136 -6.10 -11.91 21.82
N ASP A 137 -6.91 -12.72 22.50
CA ASP A 137 -6.99 -12.58 23.94
C ASP A 137 -5.77 -13.16 24.66
N GLN A 138 -4.83 -13.68 23.89
CA GLN A 138 -3.60 -14.25 24.46
C GLN A 138 -2.39 -13.35 24.15
N ILE A 139 -2.58 -12.39 23.26
CA ILE A 139 -1.52 -11.47 22.87
C ILE A 139 -1.42 -10.26 23.80
N PHE A 140 -0.20 -9.80 24.06
CA PHE A 140 0.01 -8.60 24.87
C PHE A 140 1.34 -7.95 24.51
N ILE A 141 1.49 -6.69 24.85
CA ILE A 141 2.72 -5.96 24.56
C ILE A 141 3.37 -5.53 25.86
N ASP A 142 4.68 -5.76 25.97
CA ASP A 142 5.46 -5.39 27.15
C ASP A 142 6.30 -4.16 26.78
N ILE A 143 6.11 -3.06 27.52
CA ILE A 143 6.87 -1.84 27.24
C ILE A 143 7.81 -1.51 28.40
N GLY A 144 7.98 -2.46 29.31
CA GLY A 144 8.85 -2.24 30.44
C GLY A 144 8.23 -1.50 31.61
N ALA A 145 6.91 -1.29 31.57
CA ALA A 145 6.22 -0.61 32.66
C ALA A 145 5.90 -1.61 33.77
N GLU A 146 5.78 -1.13 35.01
CA GLU A 146 5.48 -2.01 36.12
C GLU A 146 4.03 -1.88 36.60
N SER A 147 3.34 -0.87 36.10
CA SER A 147 1.95 -0.64 36.48
C SER A 147 1.23 0.14 35.40
N LYS A 148 -0.09 0.19 35.51
CA LYS A 148 -0.90 0.93 34.54
C LYS A 148 -0.51 2.40 34.59
N GLU A 149 -0.29 2.92 35.80
CA GLU A 149 0.08 4.32 35.99
C GLU A 149 1.40 4.66 35.32
N GLU A 150 2.37 3.75 35.42
CA GLU A 150 3.67 4.00 34.79
C GLU A 150 3.53 3.97 33.27
N ALA A 151 2.74 3.05 32.76
CA ALA A 151 2.52 2.96 31.32
C ALA A 151 1.89 4.26 30.81
N GLU A 152 0.97 4.81 31.60
CA GLU A 152 0.33 6.05 31.21
C GLU A 152 1.29 7.22 31.30
N ASP A 153 2.17 7.21 32.30
CA ASP A 153 3.15 8.28 32.43
C ASP A 153 4.13 8.24 31.28
N MET A 154 4.30 7.06 30.69
CA MET A 154 5.21 6.89 29.57
C MET A 154 4.56 7.38 28.28
N GLY A 155 3.29 7.77 28.36
CA GLY A 155 2.59 8.30 27.20
C GLY A 155 1.57 7.41 26.52
N VAL A 156 1.35 6.20 27.05
CA VAL A 156 0.41 5.27 26.46
C VAL A 156 -1.01 5.47 26.97
N LYS A 157 -1.98 5.31 26.08
CA LYS A 157 -3.39 5.47 26.43
C LYS A 157 -4.21 4.52 25.57
N ILE A 158 -5.49 4.41 25.89
CA ILE A 158 -6.38 3.58 25.09
C ILE A 158 -6.45 4.34 23.77
N GLY A 159 -6.14 3.66 22.67
CA GLY A 159 -6.16 4.32 21.37
C GLY A 159 -4.76 4.55 20.81
N THR A 160 -3.74 4.28 21.61
CA THR A 160 -2.37 4.47 21.15
C THR A 160 -2.12 3.49 20.00
N VAL A 161 -1.53 3.97 18.92
CA VAL A 161 -1.26 3.10 17.77
C VAL A 161 0.15 2.54 17.82
N ILE A 162 0.31 1.34 17.25
CA ILE A 162 1.57 0.62 17.26
C ILE A 162 1.89 -0.02 15.91
N THR A 163 3.16 0.03 15.52
CA THR A 163 3.59 -0.62 14.28
C THR A 163 4.81 -1.49 14.62
N TRP A 164 5.15 -2.42 13.73
CA TRP A 164 6.33 -3.24 13.97
C TRP A 164 7.55 -2.33 13.86
N ASP A 165 8.66 -2.77 14.45
CA ASP A 165 9.91 -2.04 14.37
C ASP A 165 10.58 -2.67 13.17
N GLY A 166 10.27 -2.18 11.98
CA GLY A 166 10.86 -2.73 10.78
C GLY A 166 11.62 -1.72 9.97
N ARG A 167 12.63 -2.19 9.26
CA ARG A 167 13.43 -1.30 8.43
C ARG A 167 13.70 -1.95 7.10
N LEU A 168 13.93 -1.13 6.08
CA LEU A 168 14.22 -1.63 4.75
C LEU A 168 15.65 -2.17 4.69
N GLU A 169 15.82 -3.34 4.10
CA GLU A 169 17.14 -3.94 3.91
C GLU A 169 17.13 -4.68 2.58
N ARG A 170 18.31 -4.94 2.05
CA ARG A 170 18.42 -5.65 0.78
C ARG A 170 18.56 -7.15 0.98
N LEU A 171 18.01 -7.91 0.04
CA LEU A 171 18.11 -9.36 0.05
C LEU A 171 18.69 -9.73 -1.31
N GLY A 172 19.97 -10.06 -1.35
CA GLY A 172 20.58 -10.43 -2.61
C GLY A 172 20.70 -9.30 -3.61
N LYS A 173 20.87 -9.68 -4.88
CA LYS A 173 21.04 -8.70 -5.95
C LYS A 173 19.85 -7.82 -6.31
N HIS A 174 18.65 -8.39 -6.33
CA HIS A 174 17.48 -7.62 -6.74
C HIS A 174 16.31 -7.53 -5.78
N ARG A 175 16.40 -8.17 -4.62
CA ARG A 175 15.27 -8.14 -3.72
C ARG A 175 15.44 -7.33 -2.44
N PHE A 176 14.33 -7.07 -1.75
CA PHE A 176 14.34 -6.29 -0.51
C PHE A 176 13.38 -6.86 0.50
N VAL A 177 13.62 -6.53 1.77
CA VAL A 177 12.72 -6.95 2.84
C VAL A 177 12.34 -5.68 3.59
N SER A 178 11.07 -5.58 3.96
CA SER A 178 10.63 -4.39 4.68
C SER A 178 9.25 -4.51 5.26
N ILE A 179 8.96 -3.60 6.17
CA ILE A 179 7.64 -3.50 6.76
C ILE A 179 6.87 -2.70 5.72
N ALA A 180 5.56 -2.90 5.67
CA ALA A 180 4.68 -2.14 4.79
C ALA A 180 4.94 -2.04 3.29
N PHE A 181 5.52 -3.05 2.66
CA PHE A 181 5.67 -2.95 1.21
C PHE A 181 4.23 -2.95 0.71
N ASP A 182 3.37 -3.65 1.47
CA ASP A 182 1.95 -3.73 1.12
C ASP A 182 1.54 -2.32 0.94
N ASP A 183 1.80 -1.92 -0.28
CA ASP A 183 1.56 -0.62 -0.81
C ASP A 183 2.40 0.58 -0.58
N ARG A 184 3.39 0.54 0.32
CA ARG A 184 4.25 1.71 0.39
C ARG A 184 5.08 1.55 -0.88
N ILE A 185 5.15 0.32 -1.39
CA ILE A 185 5.89 0.09 -2.63
C ILE A 185 5.10 0.71 -3.78
N ALA A 186 3.78 0.80 -3.62
CA ALA A 186 2.94 1.41 -4.65
C ALA A 186 3.01 2.93 -4.51
N VAL A 187 3.16 3.40 -3.27
CA VAL A 187 3.28 4.83 -3.03
C VAL A 187 4.58 5.27 -3.70
N TYR A 188 5.62 4.46 -3.53
CA TYR A 188 6.90 4.73 -4.14
C TYR A 188 6.71 4.76 -5.66
N THR A 189 5.96 3.79 -6.18
CA THR A 189 5.72 3.70 -7.61
C THR A 189 5.06 4.95 -8.18
N ILE A 190 4.00 5.44 -7.56
CA ILE A 190 3.36 6.64 -8.11
C ILE A 190 4.23 7.87 -7.99
N LEU A 191 5.10 7.91 -6.98
CA LEU A 191 6.01 9.05 -6.83
C LEU A 191 6.96 9.02 -8.02
N GLU A 192 7.42 7.83 -8.39
CA GLU A 192 8.33 7.67 -9.53
C GLU A 192 7.62 7.98 -10.84
N VAL A 193 6.37 7.56 -10.95
CA VAL A 193 5.60 7.83 -12.17
C VAL A 193 5.41 9.33 -12.33
N ALA A 194 5.11 10.01 -11.22
CA ALA A 194 4.90 11.45 -11.25
C ALA A 194 6.17 12.18 -11.69
N LYS A 195 7.33 11.62 -11.35
CA LYS A 195 8.61 12.21 -11.70
C LYS A 195 8.96 12.00 -13.17
N GLN A 196 8.49 10.90 -13.74
CA GLN A 196 8.77 10.56 -15.13
C GLN A 196 7.79 11.12 -16.14
N LEU A 197 6.54 11.26 -15.71
CA LEU A 197 5.49 11.77 -16.59
C LEU A 197 5.78 13.17 -17.13
N LYS A 198 5.81 13.30 -18.45
CA LYS A 198 6.09 14.59 -19.09
C LYS A 198 5.08 14.87 -20.21
N ASP A 199 4.36 15.97 -20.08
CA ASP A 199 3.37 16.39 -21.07
C ASP A 199 2.45 15.27 -21.53
N ALA A 200 1.89 14.53 -20.59
CA ALA A 200 1.00 13.42 -20.93
C ALA A 200 -0.35 13.97 -21.38
N LYS A 201 -0.94 13.34 -22.38
CA LYS A 201 -2.25 13.76 -22.87
C LYS A 201 -3.31 13.15 -21.96
N ALA A 202 -3.37 13.65 -20.74
CA ALA A 202 -4.33 13.18 -19.76
C ALA A 202 -4.34 14.10 -18.55
N ASP A 203 -5.50 14.19 -17.91
CA ASP A 203 -5.68 15.01 -16.72
C ASP A 203 -5.50 14.02 -15.58
N VAL A 204 -4.29 14.00 -15.02
CA VAL A 204 -3.93 13.05 -13.98
C VAL A 204 -4.10 13.43 -12.51
N TYR A 205 -4.68 12.50 -11.75
CA TYR A 205 -4.88 12.68 -10.33
C TYR A 205 -4.22 11.51 -9.62
N PHE A 206 -3.05 11.76 -9.01
CA PHE A 206 -2.35 10.74 -8.26
C PHE A 206 -2.94 10.82 -6.87
N VAL A 207 -3.39 9.70 -6.33
CA VAL A 207 -3.99 9.72 -5.01
C VAL A 207 -3.38 8.72 -4.05
N ALA A 208 -2.90 9.21 -2.92
CA ALA A 208 -2.35 8.35 -1.87
C ALA A 208 -3.57 8.22 -0.97
N THR A 209 -4.27 7.10 -1.09
CA THR A 209 -5.49 6.85 -0.35
C THR A 209 -5.32 6.40 1.10
N VAL A 210 -6.33 6.70 1.90
CA VAL A 210 -6.34 6.31 3.31
C VAL A 210 -7.26 5.12 3.52
N GLN A 211 -7.07 4.45 4.65
CA GLN A 211 -7.90 3.33 5.08
C GLN A 211 -8.27 2.23 4.08
N GLU A 212 -7.31 1.81 3.26
CA GLU A 212 -7.60 0.74 2.31
C GLU A 212 -7.68 -0.58 3.08
N GLU A 213 -6.82 -0.74 4.07
CA GLU A 213 -6.75 -1.97 4.87
C GLU A 213 -7.99 -2.31 5.69
N VAL A 214 -8.87 -1.34 5.88
CA VAL A 214 -10.07 -1.58 6.65
C VAL A 214 -11.34 -1.56 5.79
N GLY A 215 -11.17 -1.49 4.48
CA GLY A 215 -12.34 -1.49 3.61
C GLY A 215 -12.33 -0.63 2.35
N LEU A 216 -11.16 -0.30 1.82
CA LEU A 216 -11.08 0.52 0.60
C LEU A 216 -11.82 1.84 0.78
N ARG A 217 -11.81 2.36 2.00
CA ARG A 217 -12.54 3.58 2.33
C ARG A 217 -12.09 4.89 1.69
N GLY A 218 -10.79 5.17 1.71
CA GLY A 218 -10.28 6.39 1.12
C GLY A 218 -10.46 6.44 -0.39
N ALA A 219 -10.30 5.29 -1.03
CA ALA A 219 -10.46 5.21 -2.48
C ALA A 219 -11.88 5.53 -2.88
N ARG A 220 -12.85 5.12 -2.06
CA ARG A 220 -14.25 5.39 -2.36
C ARG A 220 -14.59 6.88 -2.36
N THR A 221 -14.18 7.59 -1.32
CA THR A 221 -14.48 9.01 -1.22
C THR A 221 -13.67 9.91 -2.16
N SER A 222 -12.41 9.58 -2.39
CA SER A 222 -11.60 10.40 -3.30
C SER A 222 -12.06 10.21 -4.74
N ALA A 223 -12.44 8.99 -5.10
CA ALA A 223 -12.91 8.71 -6.45
C ALA A 223 -14.23 9.44 -6.72
N PHE A 224 -15.06 9.53 -5.69
CA PHE A 224 -16.34 10.22 -5.84
C PHE A 224 -16.09 11.69 -6.17
N GLY A 225 -15.17 12.30 -5.43
CA GLY A 225 -14.86 13.69 -5.65
C GLY A 225 -14.18 13.99 -6.97
N ILE A 226 -13.29 13.10 -7.40
CA ILE A 226 -12.56 13.27 -8.65
C ILE A 226 -13.41 12.98 -9.89
N GLU A 227 -14.28 11.98 -9.79
CA GLU A 227 -15.14 11.57 -10.90
C GLU A 227 -14.30 11.35 -12.16
N PRO A 228 -13.36 10.39 -12.10
CA PRO A 228 -12.48 10.08 -13.23
C PRO A 228 -13.14 9.33 -14.38
N ASP A 229 -12.51 9.41 -15.56
CA ASP A 229 -12.99 8.71 -16.75
C ASP A 229 -12.38 7.30 -16.73
N TYR A 230 -11.19 7.19 -16.15
CA TYR A 230 -10.47 5.93 -16.03
C TYR A 230 -9.84 5.83 -14.66
N GLY A 231 -9.85 4.61 -14.10
CA GLY A 231 -9.26 4.42 -12.80
C GLY A 231 -8.19 3.34 -12.80
N PHE A 232 -7.15 3.56 -12.02
CA PHE A 232 -6.07 2.60 -11.91
C PHE A 232 -5.61 2.51 -10.47
N ALA A 233 -5.38 1.30 -10.01
CA ALA A 233 -4.90 1.09 -8.65
C ALA A 233 -3.55 0.41 -8.80
N ILE A 234 -2.65 0.68 -7.87
CA ILE A 234 -1.36 0.05 -7.83
C ILE A 234 -1.25 -0.49 -6.41
N ASP A 235 -1.06 -1.80 -6.27
CA ASP A 235 -0.96 -2.40 -4.95
C ASP A 235 -0.08 -3.63 -5.08
N VAL A 236 0.11 -4.35 -3.98
CA VAL A 236 0.90 -5.56 -4.05
C VAL A 236 -0.06 -6.72 -4.27
N THR A 237 0.45 -7.81 -4.79
CA THR A 237 -0.37 -8.99 -4.96
C THR A 237 0.42 -10.17 -4.44
N ILE A 238 -0.26 -11.28 -4.22
CA ILE A 238 0.38 -12.46 -3.70
C ILE A 238 1.44 -13.11 -4.57
N ALA A 239 2.61 -13.31 -3.98
CA ALA A 239 3.71 -14.00 -4.63
C ALA A 239 3.90 -15.19 -3.69
N ALA A 240 3.35 -16.35 -4.05
CA ALA A 240 3.48 -17.53 -3.22
C ALA A 240 4.40 -18.55 -3.87
N ASP A 241 5.40 -18.03 -4.59
CA ASP A 241 6.39 -18.85 -5.27
C ASP A 241 7.44 -19.26 -4.25
N ILE A 242 6.99 -19.96 -3.22
CA ILE A 242 7.85 -20.42 -2.14
C ILE A 242 7.73 -21.93 -1.96
N PRO A 243 8.63 -22.53 -1.16
CA PRO A 243 8.61 -23.98 -0.94
C PRO A 243 7.26 -24.54 -0.47
N GLY A 244 6.91 -25.71 -1.01
CA GLY A 244 5.68 -26.36 -0.63
C GLY A 244 4.39 -25.90 -1.28
N THR A 245 4.46 -24.85 -2.09
CA THR A 245 3.27 -24.34 -2.75
C THR A 245 3.10 -24.94 -4.15
N PRO A 246 1.93 -25.53 -4.42
CA PRO A 246 1.68 -26.12 -5.74
C PRO A 246 1.84 -25.03 -6.80
N GLU A 247 2.39 -25.37 -7.96
CA GLU A 247 2.60 -24.41 -9.02
C GLU A 247 1.36 -23.58 -9.39
N HIS A 248 0.19 -24.20 -9.45
CA HIS A 248 -1.00 -23.46 -9.82
C HIS A 248 -1.53 -22.52 -8.73
N LYS A 249 -0.94 -22.60 -7.54
CA LYS A 249 -1.37 -21.73 -6.44
C LYS A 249 -0.36 -20.63 -6.10
N GLN A 250 0.67 -20.48 -6.91
CA GLN A 250 1.69 -19.46 -6.64
C GLN A 250 1.26 -18.02 -6.96
N VAL A 251 0.25 -17.89 -7.83
CA VAL A 251 -0.29 -16.58 -8.23
C VAL A 251 0.65 -15.73 -9.09
N THR A 252 1.76 -15.31 -8.51
CA THR A 252 2.76 -14.54 -9.26
C THR A 252 4.16 -14.98 -8.82
N HIS A 253 5.16 -14.61 -9.60
CA HIS A 253 6.55 -14.96 -9.30
C HIS A 253 7.39 -13.70 -9.23
N LEU A 254 8.23 -13.61 -8.20
CA LEU A 254 9.09 -12.43 -8.08
C LEU A 254 10.07 -12.37 -9.24
N GLY A 255 10.26 -11.16 -9.77
CA GLY A 255 11.19 -10.98 -10.87
C GLY A 255 10.66 -11.28 -12.25
N LYS A 256 9.42 -11.74 -12.34
CA LYS A 256 8.84 -12.06 -13.64
C LYS A 256 8.00 -10.94 -14.23
N GLY A 257 8.08 -9.75 -13.64
CA GLY A 257 7.35 -8.62 -14.16
C GLY A 257 6.21 -8.05 -13.34
N THR A 258 5.72 -6.89 -13.78
CA THR A 258 4.61 -6.24 -13.12
C THR A 258 3.41 -7.15 -13.37
N ALA A 259 2.51 -7.25 -12.40
CA ALA A 259 1.34 -8.11 -12.56
C ALA A 259 0.11 -7.32 -13.01
N ILE A 260 -0.45 -7.70 -14.15
CA ILE A 260 -1.65 -7.05 -14.65
C ILE A 260 -2.82 -7.83 -14.08
N LYS A 261 -3.64 -7.17 -13.27
CA LYS A 261 -4.77 -7.83 -12.63
C LYS A 261 -5.95 -8.08 -13.56
N ILE A 262 -6.39 -9.33 -13.63
CA ILE A 262 -7.55 -9.68 -14.44
C ILE A 262 -8.76 -9.56 -13.50
N MET A 263 -8.61 -10.10 -12.29
CA MET A 263 -9.66 -9.99 -11.30
C MET A 263 -9.26 -10.50 -9.92
N ASP A 264 -9.88 -9.93 -8.90
CA ASP A 264 -9.69 -10.39 -7.52
C ASP A 264 -11.10 -10.37 -6.95
N ARG A 265 -11.27 -10.66 -5.67
CA ARG A 265 -12.63 -10.71 -5.11
C ARG A 265 -13.37 -9.37 -5.13
N SER A 266 -12.64 -8.27 -5.21
CA SER A 266 -13.28 -6.95 -5.20
C SER A 266 -13.52 -6.32 -6.57
N VAL A 267 -12.90 -6.85 -7.62
CA VAL A 267 -13.08 -6.26 -8.93
C VAL A 267 -12.69 -7.15 -10.11
N ILE A 268 -13.43 -6.99 -11.20
CA ILE A 268 -13.13 -7.69 -12.44
C ILE A 268 -12.70 -6.52 -13.30
N CYS A 269 -11.40 -6.40 -13.54
CA CYS A 269 -10.86 -5.31 -14.32
C CYS A 269 -11.46 -5.32 -15.71
N HIS A 270 -11.68 -4.13 -16.27
CA HIS A 270 -12.27 -4.03 -17.60
C HIS A 270 -11.40 -4.80 -18.58
N PRO A 271 -11.96 -5.82 -19.23
CA PRO A 271 -11.23 -6.64 -20.20
C PRO A 271 -10.48 -5.87 -21.28
N THR A 272 -11.04 -4.75 -21.72
CA THR A 272 -10.38 -3.96 -22.76
C THR A 272 -9.10 -3.31 -22.22
N ILE A 273 -9.17 -2.85 -20.97
CA ILE A 273 -8.01 -2.23 -20.34
C ILE A 273 -6.94 -3.29 -20.05
N VAL A 274 -7.39 -4.46 -19.60
CA VAL A 274 -6.46 -5.54 -19.31
C VAL A 274 -5.62 -5.89 -20.53
N ARG A 275 -6.28 -6.13 -21.66
CA ARG A 275 -5.56 -6.49 -22.87
C ARG A 275 -4.77 -5.32 -23.45
N TRP A 276 -5.26 -4.10 -23.22
CA TRP A 276 -4.58 -2.91 -23.70
C TRP A 276 -3.25 -2.77 -22.94
N LEU A 277 -3.28 -3.05 -21.64
CA LEU A 277 -2.07 -2.98 -20.83
C LEU A 277 -1.10 -4.09 -21.25
N GLU A 278 -1.64 -5.27 -21.52
CA GLU A 278 -0.80 -6.40 -21.94
C GLU A 278 -0.13 -6.09 -23.27
N GLU A 279 -0.87 -5.50 -24.20
CA GLU A 279 -0.31 -5.15 -25.50
C GLU A 279 0.74 -4.05 -25.37
N LEU A 280 0.52 -3.12 -24.43
CA LEU A 280 1.48 -2.03 -24.22
C LEU A 280 2.78 -2.58 -23.66
N ALA A 281 2.66 -3.56 -22.77
CA ALA A 281 3.83 -4.19 -22.16
C ALA A 281 4.66 -4.90 -23.22
N LYS A 282 3.99 -5.61 -24.11
CA LYS A 282 4.67 -6.32 -25.18
C LYS A 282 5.39 -5.36 -26.11
N LYS A 283 4.68 -4.31 -26.52
CA LYS A 283 5.21 -3.31 -27.43
C LYS A 283 6.44 -2.58 -26.91
N HIS A 284 6.47 -2.31 -25.61
CA HIS A 284 7.60 -1.61 -25.01
C HIS A 284 8.57 -2.53 -24.29
N GLU A 285 8.42 -3.82 -24.52
CA GLU A 285 9.29 -4.83 -23.92
C GLU A 285 9.39 -4.73 -22.40
N ILE A 286 8.24 -4.57 -21.75
CA ILE A 286 8.20 -4.48 -20.30
C ILE A 286 7.72 -5.84 -19.79
N PRO A 287 8.52 -6.49 -18.92
CA PRO A 287 8.12 -7.80 -18.41
C PRO A 287 6.83 -7.71 -17.59
N TYR A 288 5.94 -8.67 -17.79
CA TYR A 288 4.66 -8.67 -17.09
C TYR A 288 4.13 -10.08 -16.90
N GLN A 289 3.16 -10.21 -16.01
CA GLN A 289 2.51 -11.48 -15.74
C GLN A 289 1.05 -11.21 -15.40
N LEU A 290 0.17 -12.16 -15.70
CA LEU A 290 -1.26 -11.98 -15.44
C LEU A 290 -1.65 -12.48 -14.06
N GLU A 291 -2.45 -11.67 -13.37
CA GLU A 291 -2.88 -11.99 -12.00
C GLU A 291 -4.37 -12.26 -11.79
N ILE A 292 -4.67 -13.34 -11.08
CA ILE A 292 -6.03 -13.70 -10.72
C ILE A 292 -5.99 -14.13 -9.26
N LEU A 293 -6.84 -13.53 -8.44
CA LEU A 293 -6.91 -13.87 -7.02
C LEU A 293 -8.30 -14.38 -6.66
N LEU A 294 -8.35 -15.47 -5.91
CA LEU A 294 -9.62 -16.05 -5.49
C LEU A 294 -10.30 -15.13 -4.49
N GLY A 295 -9.50 -14.43 -3.71
CA GLY A 295 -10.03 -13.51 -2.73
C GLY A 295 -9.34 -12.16 -2.87
N GLY A 296 -8.86 -11.62 -1.75
CA GLY A 296 -8.19 -10.33 -1.78
C GLY A 296 -9.05 -9.17 -2.26
N GLY A 297 -8.64 -7.97 -1.88
CA GLY A 297 -9.36 -6.77 -2.29
C GLY A 297 -8.40 -5.62 -2.52
N THR A 298 -8.72 -4.74 -3.46
CA THR A 298 -7.86 -3.61 -3.79
C THR A 298 -8.70 -2.34 -3.99
N ASP A 299 -8.04 -1.17 -3.96
CA ASP A 299 -8.74 0.10 -4.14
C ASP A 299 -9.60 0.15 -5.39
N ALA A 300 -9.20 -0.58 -6.43
CA ALA A 300 -9.97 -0.60 -7.67
C ALA A 300 -11.39 -1.07 -7.37
N GLY A 301 -11.52 -1.92 -6.35
CA GLY A 301 -12.82 -2.43 -5.98
C GLY A 301 -13.80 -1.33 -5.60
N ALA A 302 -13.27 -0.19 -5.18
CA ALA A 302 -14.12 0.93 -4.81
C ALA A 302 -14.22 1.92 -5.96
N ILE A 303 -13.08 2.20 -6.59
CA ILE A 303 -13.03 3.15 -7.70
C ILE A 303 -13.99 2.82 -8.84
N HIS A 304 -14.01 1.58 -9.30
CA HIS A 304 -14.86 1.23 -10.43
C HIS A 304 -16.36 1.33 -10.19
N LEU A 305 -16.77 1.34 -8.93
CA LEU A 305 -18.20 1.42 -8.61
C LEU A 305 -18.64 2.84 -8.27
N THR A 306 -17.77 3.81 -8.51
CA THR A 306 -18.06 5.21 -8.23
C THR A 306 -19.11 5.77 -9.18
N LYS A 307 -20.09 6.48 -8.63
CA LYS A 307 -21.14 7.09 -9.41
C LYS A 307 -21.74 6.19 -10.50
N ALA A 308 -21.63 6.59 -11.76
CA ALA A 308 -22.19 5.80 -12.85
C ALA A 308 -21.24 4.73 -13.39
N GLY A 309 -20.14 4.51 -12.68
CA GLY A 309 -19.18 3.50 -13.10
C GLY A 309 -17.91 4.04 -13.72
N VAL A 310 -16.79 3.39 -13.41
CA VAL A 310 -15.50 3.82 -13.95
C VAL A 310 -14.70 2.63 -14.44
N PRO A 311 -14.35 2.60 -15.74
CA PRO A 311 -13.57 1.49 -16.28
C PRO A 311 -12.22 1.53 -15.56
N THR A 312 -11.80 0.41 -14.99
CA THR A 312 -10.53 0.39 -14.26
C THR A 312 -9.62 -0.78 -14.55
N GLY A 313 -8.35 -0.57 -14.21
CA GLY A 313 -7.34 -1.59 -14.36
C GLY A 313 -6.49 -1.51 -13.11
N ALA A 314 -5.62 -2.49 -12.91
CA ALA A 314 -4.76 -2.48 -11.75
C ALA A 314 -3.44 -3.16 -12.06
N LEU A 315 -2.34 -2.53 -11.62
CA LEU A 315 -1.02 -3.10 -11.79
C LEU A 315 -0.56 -3.44 -10.39
N SER A 316 -0.04 -4.65 -10.21
CA SER A 316 0.39 -5.07 -8.89
C SER A 316 1.86 -5.45 -8.83
N VAL A 317 2.47 -5.23 -7.67
CA VAL A 317 3.86 -5.59 -7.45
C VAL A 317 3.82 -6.90 -6.69
N PRO A 318 4.36 -7.98 -7.27
CA PRO A 318 4.37 -9.27 -6.58
C PRO A 318 5.10 -9.13 -5.25
N ALA A 319 4.54 -9.69 -4.19
CA ALA A 319 5.19 -9.59 -2.88
C ALA A 319 4.99 -10.84 -2.05
N ARG A 320 6.08 -11.31 -1.43
CA ARG A 320 6.02 -12.49 -0.58
C ARG A 320 5.80 -12.08 0.87
N TYR A 321 5.16 -12.97 1.64
CA TYR A 321 4.92 -12.75 3.07
C TYR A 321 4.14 -11.48 3.39
N ILE A 322 3.11 -11.21 2.58
CA ILE A 322 2.28 -10.02 2.78
C ILE A 322 1.62 -9.98 4.16
N HIS A 323 1.53 -8.77 4.71
CA HIS A 323 0.99 -8.46 6.04
C HIS A 323 1.86 -9.01 7.15
N SER A 324 3.09 -8.52 7.17
CA SER A 324 4.07 -8.91 8.18
C SER A 324 5.14 -7.83 8.19
N ASN A 325 6.11 -7.98 9.08
CA ASN A 325 7.21 -7.03 9.18
C ASN A 325 8.33 -7.40 8.22
N THR A 326 8.15 -8.50 7.47
CA THR A 326 9.16 -8.96 6.55
C THR A 326 8.64 -9.28 5.15
N GLU A 327 7.99 -8.30 4.54
CA GLU A 327 7.46 -8.47 3.18
C GLU A 327 8.64 -8.36 2.22
N VAL A 328 8.58 -9.10 1.11
CA VAL A 328 9.68 -9.12 0.14
C VAL A 328 9.23 -8.86 -1.30
N VAL A 329 9.92 -7.94 -1.97
CA VAL A 329 9.64 -7.61 -3.37
C VAL A 329 10.93 -7.63 -4.19
N ASP A 330 10.76 -7.60 -5.51
CA ASP A 330 11.88 -7.64 -6.46
C ASP A 330 11.90 -6.32 -7.25
N GLU A 331 13.03 -5.63 -7.23
CA GLU A 331 13.16 -4.35 -7.92
C GLU A 331 12.80 -4.39 -9.40
N ARG A 332 12.99 -5.52 -10.05
CA ARG A 332 12.67 -5.62 -11.47
C ARG A 332 11.17 -5.50 -11.70
N ASP A 333 10.37 -6.00 -10.77
CA ASP A 333 8.92 -5.92 -10.91
C ASP A 333 8.47 -4.50 -10.59
N VAL A 334 9.16 -3.86 -9.65
CA VAL A 334 8.83 -2.49 -9.29
C VAL A 334 9.10 -1.57 -10.48
N ASP A 335 10.26 -1.74 -11.10
CA ASP A 335 10.61 -0.91 -12.25
C ASP A 335 9.63 -1.13 -13.40
N ALA A 336 9.23 -2.39 -13.60
CA ALA A 336 8.28 -2.71 -14.67
C ALA A 336 6.94 -2.02 -14.42
N THR A 337 6.55 -1.93 -13.15
CA THR A 337 5.28 -1.30 -12.79
C THR A 337 5.36 0.21 -13.07
N VAL A 338 6.47 0.83 -12.71
CA VAL A 338 6.64 2.27 -12.96
C VAL A 338 6.58 2.52 -14.46
N GLU A 339 7.31 1.70 -15.21
CA GLU A 339 7.37 1.84 -16.66
C GLU A 339 6.03 1.64 -17.36
N LEU A 340 5.31 0.57 -17.00
CA LEU A 340 4.03 0.31 -17.65
C LEU A 340 2.98 1.37 -17.33
N MET A 341 2.95 1.83 -16.08
CA MET A 341 1.97 2.85 -15.69
C MET A 341 2.27 4.15 -16.43
N THR A 342 3.56 4.46 -16.58
CA THR A 342 3.95 5.67 -17.28
C THR A 342 3.52 5.57 -18.74
N LYS A 343 3.76 4.42 -19.36
CA LYS A 343 3.37 4.22 -20.76
C LYS A 343 1.86 4.26 -20.91
N ALA A 344 1.14 3.75 -19.92
CA ALA A 344 -0.32 3.74 -19.97
C ALA A 344 -0.86 5.17 -19.96
N LEU A 345 -0.30 6.02 -19.11
CA LEU A 345 -0.74 7.40 -19.03
C LEU A 345 -0.43 8.18 -20.30
N GLU A 346 0.69 7.87 -20.92
CA GLU A 346 1.11 8.56 -22.15
C GLU A 346 0.28 8.15 -23.36
N ASN A 347 -0.32 6.96 -23.31
CA ASN A 347 -1.10 6.46 -24.44
C ASN A 347 -2.61 6.30 -24.18
N ILE A 348 -3.05 6.59 -22.97
CA ILE A 348 -4.47 6.43 -22.64
C ILE A 348 -5.41 7.29 -23.49
N HIS A 349 -4.89 8.37 -24.06
CA HIS A 349 -5.72 9.25 -24.87
C HIS A 349 -6.20 8.54 -26.14
N GLU A 350 -5.52 7.44 -26.50
CA GLU A 350 -5.87 6.68 -27.68
C GLU A 350 -6.81 5.51 -27.37
N LEU A 351 -6.87 5.12 -26.09
CA LEU A 351 -7.70 4.01 -25.68
C LEU A 351 -9.16 4.18 -26.05
N LYS A 352 -9.73 3.16 -26.68
CA LYS A 352 -11.13 3.19 -27.08
C LYS A 352 -11.87 2.03 -26.43
N ILE A 353 -12.71 2.34 -25.45
CA ILE A 353 -13.49 1.33 -24.75
C ILE A 353 -14.92 1.30 -25.27
N VAL B 2 -6.80 -5.86 1.34
CA VAL B 2 -7.73 -6.53 2.30
C VAL B 2 -7.48 -8.06 2.25
N VAL B 3 -7.61 -8.80 3.40
CA VAL B 3 -7.54 -10.27 3.38
C VAL B 3 -6.12 -10.70 3.73
N ASP B 4 -5.20 -10.79 2.73
CA ASP B 4 -3.82 -11.23 2.96
C ASP B 4 -2.85 -10.05 3.07
#